data_8V31
#
_entry.id   8V31
#
_cell.length_a   95.088
_cell.length_b   95.088
_cell.length_c   159.542
_cell.angle_alpha   90
_cell.angle_beta   90
_cell.angle_gamma   120
#
_symmetry.space_group_name_H-M   'P 31 2 1'
#
loop_
_entity.id
_entity.type
_entity.pdbx_description
1 polymer 'Glycosyl hydrolase'
2 non-polymer 'MAGNESIUM ION'
3 water water
#
_entity_poly.entity_id   1
_entity_poly.type   'polypeptide(L)'
_entity_poly.pdbx_seq_one_letter_code
;MGGPGAKGKAAADTAAAETKAVPEYTVINNATVDLAGFPQDKDGYYVIFDGKTFNGWRGYGKDHVPSKWTIDNGAIKFNG
SGGGEAQDGDGGDLIFTHKFKNFELEVEWKVAKGSNSGIFYLGQEVATTKDGKQRMEPIYISCPEYQVLDNENHPDAKLG
VDGNRKSASLYDMIPAVPQNAKPYGEWNKAKIMVYKGTVVHGQNDQNVLEYHLWTPQWTEMLEKSKFSPEKWPLAFELLN
NCGGAQREGYIGFQDHGDDVWFRNIRIKVLDHHHHHH
;
_entity_poly.pdbx_strand_id   A,C
#
# COMPACT_ATOMS: atom_id res chain seq x y z
N VAL A 22 -19.28 8.35 -8.81
CA VAL A 22 -19.68 7.71 -10.10
C VAL A 22 -18.96 8.42 -11.24
N PRO A 23 -17.62 8.47 -11.26
CA PRO A 23 -16.90 9.22 -12.31
C PRO A 23 -17.08 8.70 -13.76
N GLU A 24 -16.50 9.50 -14.71
CA GLU A 24 -16.38 9.21 -16.13
C GLU A 24 -15.39 8.08 -16.27
N TYR A 25 -15.90 6.87 -16.60
CA TYR A 25 -15.01 5.75 -16.80
C TYR A 25 -15.20 5.17 -18.19
N THR A 26 -14.11 4.58 -18.70
CA THR A 26 -14.14 3.86 -19.96
C THR A 26 -13.79 2.39 -19.74
N VAL A 27 -14.52 1.49 -20.41
CA VAL A 27 -14.01 0.13 -20.46
C VAL A 27 -13.31 -0.10 -21.79
N ILE A 28 -12.05 -0.54 -21.70
CA ILE A 28 -11.31 -0.82 -22.90
C ILE A 28 -11.75 -2.20 -23.38
N ASN A 29 -11.94 -2.40 -24.70
CA ASN A 29 -12.26 -3.68 -25.32
C ASN A 29 -11.13 -4.06 -26.25
N ASN A 30 -10.39 -5.04 -25.81
CA ASN A 30 -9.24 -5.55 -26.49
C ASN A 30 -9.54 -6.96 -27.06
N ALA A 31 -8.72 -7.35 -27.99
CA ALA A 31 -9.00 -8.61 -28.65
C ALA A 31 -8.96 -9.75 -27.64
N THR A 32 -9.94 -10.63 -27.73
CA THR A 32 -9.96 -11.83 -26.92
C THR A 32 -9.63 -12.97 -27.85
N VAL A 33 -8.82 -13.94 -27.41
CA VAL A 33 -8.63 -15.16 -28.17
C VAL A 33 -9.87 -16.06 -28.06
N ASP A 34 -9.98 -17.01 -29.01
CA ASP A 34 -10.93 -18.11 -28.93
C ASP A 34 -10.42 -19.21 -28.04
N LEU A 35 -11.39 -19.88 -27.42
CA LEU A 35 -11.06 -21.07 -26.64
C LEU A 35 -10.70 -22.31 -27.49
N ALA A 36 -11.10 -22.31 -28.75
CA ALA A 36 -10.83 -23.42 -29.66
C ALA A 36 -9.36 -23.82 -29.68
N GLY A 37 -8.49 -22.81 -29.57
CA GLY A 37 -7.03 -22.92 -29.58
C GLY A 37 -6.42 -23.65 -28.38
N PHE A 38 -7.20 -23.73 -27.31
CA PHE A 38 -6.72 -24.31 -26.09
C PHE A 38 -7.27 -25.70 -26.00
N PRO A 39 -6.40 -26.71 -25.88
CA PRO A 39 -6.88 -28.09 -25.73
C PRO A 39 -7.82 -28.25 -24.54
N GLN A 40 -8.67 -29.25 -24.59
CA GLN A 40 -9.49 -29.58 -23.43
C GLN A 40 -9.05 -30.92 -22.86
N ASP A 41 -9.01 -31.07 -21.56
CA ASP A 41 -8.69 -32.37 -20.95
C ASP A 41 -9.91 -33.32 -20.94
N LYS A 42 -9.69 -34.51 -20.38
CA LYS A 42 -10.70 -35.56 -20.37
C LYS A 42 -11.91 -35.18 -19.50
N ASP A 43 -11.75 -34.33 -18.46
CA ASP A 43 -12.91 -33.90 -17.66
C ASP A 43 -13.58 -32.66 -18.25
N GLY A 44 -13.17 -32.19 -19.45
CA GLY A 44 -13.86 -31.07 -20.10
C GLY A 44 -13.26 -29.68 -19.81
N TYR A 45 -12.13 -29.59 -19.07
CA TYR A 45 -11.53 -28.32 -18.68
C TYR A 45 -10.54 -27.92 -19.76
N TYR A 46 -10.65 -26.68 -20.24
CA TYR A 46 -9.69 -26.10 -21.17
C TYR A 46 -8.38 -25.84 -20.47
N VAL A 47 -7.24 -26.24 -21.04
CA VAL A 47 -5.92 -25.99 -20.45
C VAL A 47 -5.36 -24.69 -21.03
N ILE A 48 -5.35 -23.60 -20.25
CA ILE A 48 -5.09 -22.27 -20.79
C ILE A 48 -3.69 -21.85 -20.42
N PHE A 49 -2.80 -22.79 -19.99
CA PHE A 49 -1.37 -22.59 -19.88
C PHE A 49 -0.72 -23.89 -20.33
N ASP A 50 0.13 -23.88 -21.38
CA ASP A 50 0.70 -25.08 -22.02
C ASP A 50 1.98 -25.49 -21.31
N GLY A 51 2.36 -24.76 -20.24
CA GLY A 51 3.55 -25.18 -19.49
C GLY A 51 4.80 -24.61 -20.14
N LYS A 52 4.71 -24.05 -21.37
CA LYS A 52 5.89 -23.59 -22.11
C LYS A 52 5.84 -22.14 -22.59
N THR A 53 4.64 -21.53 -22.77
CA THR A 53 4.45 -20.25 -23.46
C THR A 53 3.31 -19.51 -22.81
N PHE A 54 3.24 -18.25 -23.20
CA PHE A 54 2.33 -17.27 -22.65
C PHE A 54 1.20 -17.05 -23.68
N ASN A 55 0.97 -18.01 -24.57
CA ASN A 55 -0.14 -17.83 -25.51
C ASN A 55 -1.49 -17.67 -24.80
N GLY A 56 -2.14 -16.57 -25.16
CA GLY A 56 -3.41 -16.17 -24.54
C GLY A 56 -3.27 -15.21 -23.38
N TRP A 57 -2.08 -14.91 -22.99
CA TRP A 57 -1.84 -14.08 -21.84
C TRP A 57 -1.20 -12.74 -22.25
N ARG A 58 -1.54 -11.73 -21.47
CA ARG A 58 -1.19 -10.36 -21.73
C ARG A 58 -1.27 -9.70 -20.39
N GLY A 59 -0.48 -8.62 -20.25
CA GLY A 59 -0.47 -7.79 -19.04
C GLY A 59 -1.73 -6.93 -19.05
N TYR A 60 -2.38 -6.85 -17.90
CA TYR A 60 -3.55 -5.99 -17.85
C TYR A 60 -3.06 -4.59 -18.20
N GLY A 61 -3.88 -3.86 -19.02
CA GLY A 61 -3.63 -2.49 -19.48
C GLY A 61 -2.49 -2.40 -20.50
N LYS A 62 -1.89 -3.52 -20.94
CA LYS A 62 -0.69 -3.52 -21.79
C LYS A 62 -0.92 -4.45 -22.98
N ASP A 63 -0.18 -4.24 -24.04
CA ASP A 63 -0.23 -4.99 -25.28
C ASP A 63 0.77 -6.16 -25.25
N HIS A 64 1.35 -6.55 -24.10
CA HIS A 64 2.50 -7.46 -24.05
C HIS A 64 2.56 -8.07 -22.65
N VAL A 65 3.27 -9.20 -22.54
CA VAL A 65 3.46 -9.89 -21.28
C VAL A 65 4.49 -9.07 -20.51
N PRO A 66 4.21 -8.58 -19.31
CA PRO A 66 5.25 -7.91 -18.53
C PRO A 66 6.40 -8.85 -18.22
N SER A 67 7.62 -8.29 -18.14
CA SER A 67 8.86 -9.07 -18.30
C SER A 67 9.22 -9.79 -17.01
N LYS A 68 8.71 -9.24 -15.90
CA LYS A 68 8.82 -9.92 -14.62
C LYS A 68 7.96 -11.19 -14.57
N TRP A 69 7.06 -11.40 -15.54
CA TRP A 69 6.40 -12.68 -15.57
C TRP A 69 7.28 -13.58 -16.44
N THR A 70 7.55 -14.78 -15.99
CA THR A 70 8.39 -15.72 -16.75
C THR A 70 7.81 -17.14 -16.64
N ILE A 71 8.28 -18.05 -17.48
CA ILE A 71 7.94 -19.45 -17.35
C ILE A 71 9.07 -20.19 -16.68
N ASP A 72 8.84 -20.77 -15.51
CA ASP A 72 9.90 -21.47 -14.79
C ASP A 72 9.42 -22.88 -14.51
N ASN A 73 10.01 -23.89 -15.18
CA ASN A 73 9.75 -25.29 -14.89
C ASN A 73 8.26 -25.66 -15.07
N GLY A 74 7.68 -25.27 -16.19
CA GLY A 74 6.25 -25.53 -16.39
C GLY A 74 5.31 -24.70 -15.48
N ALA A 75 5.80 -23.69 -14.72
CA ALA A 75 4.90 -22.76 -14.04
C ALA A 75 4.97 -21.36 -14.65
N ILE A 76 3.88 -20.64 -14.53
CA ILE A 76 3.97 -19.22 -14.70
C ILE A 76 4.54 -18.62 -13.40
N LYS A 77 5.43 -17.67 -13.49
CA LYS A 77 6.06 -17.21 -12.27
C LYS A 77 6.18 -15.72 -12.29
N PHE A 78 5.95 -15.11 -11.13
CA PHE A 78 6.19 -13.69 -11.04
C PHE A 78 7.50 -13.49 -10.29
N ASN A 79 8.43 -12.79 -10.97
CA ASN A 79 9.75 -12.48 -10.44
C ASN A 79 9.75 -11.22 -9.59
N GLY A 80 9.63 -11.35 -8.28
CA GLY A 80 9.74 -10.17 -7.43
C GLY A 80 11.17 -9.65 -7.30
N SER A 81 11.40 -8.65 -6.45
CA SER A 81 12.72 -8.03 -6.28
C SER A 81 12.79 -7.16 -5.01
N GLY A 89 12.56 -5.57 -15.91
CA GLY A 89 11.20 -5.70 -16.48
C GLY A 89 10.18 -4.65 -15.98
N ASP A 90 9.11 -4.49 -16.72
CA ASP A 90 7.89 -3.90 -16.21
C ASP A 90 7.13 -5.01 -15.47
N GLY A 91 6.29 -4.56 -14.54
CA GLY A 91 5.39 -5.40 -13.79
C GLY A 91 3.93 -5.26 -14.21
N GLY A 92 3.06 -5.38 -13.18
CA GLY A 92 1.62 -5.34 -13.35
C GLY A 92 1.01 -6.74 -13.42
N ASP A 93 -0.33 -6.72 -13.33
CA ASP A 93 -1.17 -7.92 -13.26
C ASP A 93 -1.12 -8.58 -14.64
N LEU A 94 -1.26 -9.91 -14.67
CA LEU A 94 -1.37 -10.65 -15.93
C LEU A 94 -2.73 -11.27 -16.09
N ILE A 95 -3.34 -11.17 -17.26
CA ILE A 95 -4.64 -11.80 -17.46
C ILE A 95 -4.61 -12.82 -18.59
N PHE A 96 -5.63 -13.68 -18.68
CA PHE A 96 -5.86 -14.48 -19.89
C PHE A 96 -6.95 -13.78 -20.72
N THR A 97 -6.76 -13.73 -22.04
CA THR A 97 -7.53 -12.79 -22.84
C THR A 97 -8.83 -13.43 -23.34
N HIS A 98 -9.59 -14.06 -22.42
CA HIS A 98 -10.93 -14.52 -22.77
C HIS A 98 -11.87 -14.18 -21.64
N LYS A 99 -13.04 -13.65 -22.02
CA LYS A 99 -14.00 -13.19 -21.04
C LYS A 99 -14.84 -14.39 -20.64
N PHE A 100 -14.77 -14.81 -19.38
CA PHE A 100 -15.59 -15.92 -18.91
C PHE A 100 -16.80 -15.41 -18.10
N LYS A 101 -17.81 -16.27 -18.06
CA LYS A 101 -19.08 -15.97 -17.41
C LYS A 101 -19.46 -17.06 -16.42
N ASN A 102 -19.93 -18.20 -16.90
CA ASN A 102 -20.21 -19.31 -16.04
C ASN A 102 -19.06 -20.27 -16.16
N PHE A 103 -18.32 -20.51 -15.06
CA PHE A 103 -17.11 -21.31 -15.18
C PHE A 103 -16.56 -21.89 -13.87
N GLU A 104 -15.66 -22.84 -13.98
CA GLU A 104 -14.99 -23.34 -12.81
C GLU A 104 -13.51 -23.36 -13.08
N LEU A 105 -12.72 -22.63 -12.32
CA LEU A 105 -11.29 -22.47 -12.61
C LEU A 105 -10.56 -23.33 -11.62
N GLU A 106 -9.51 -24.01 -12.06
CA GLU A 106 -8.61 -24.67 -11.11
C GLU A 106 -7.16 -24.30 -11.40
N VAL A 107 -6.36 -24.05 -10.35
CA VAL A 107 -5.01 -23.56 -10.41
C VAL A 107 -4.20 -24.15 -9.26
N GLU A 108 -2.93 -24.47 -9.41
CA GLU A 108 -2.12 -24.69 -8.21
C GLU A 108 -1.27 -23.47 -8.01
N TRP A 109 -0.98 -23.16 -6.77
CA TRP A 109 -0.20 -21.98 -6.45
C TRP A 109 0.79 -22.26 -5.29
N LYS A 110 1.99 -21.79 -5.51
CA LYS A 110 3.04 -21.85 -4.53
C LYS A 110 3.47 -20.41 -4.28
N VAL A 111 3.68 -20.09 -3.01
CA VAL A 111 4.29 -18.85 -2.63
C VAL A 111 5.65 -19.13 -1.98
N ALA A 112 6.58 -18.18 -2.10
CA ALA A 112 7.79 -18.12 -1.28
C ALA A 112 7.41 -17.56 0.10
N LYS A 113 8.35 -17.63 1.03
CA LYS A 113 8.09 -17.20 2.39
C LYS A 113 7.80 -15.70 2.34
N GLY A 114 6.63 -15.19 2.85
CA GLY A 114 6.27 -13.74 2.90
C GLY A 114 5.57 -13.14 1.65
N SER A 115 5.34 -14.01 0.64
CA SER A 115 4.77 -13.67 -0.66
C SER A 115 3.27 -13.35 -0.62
N ASN A 116 2.87 -12.41 -1.46
CA ASN A 116 1.50 -11.97 -1.61
C ASN A 116 1.26 -12.04 -3.10
N SER A 117 0.16 -12.66 -3.54
CA SER A 117 -0.35 -12.49 -4.90
C SER A 117 -1.87 -12.62 -4.87
N GLY A 118 -2.48 -12.98 -5.97
CA GLY A 118 -3.89 -13.24 -5.96
C GLY A 118 -4.41 -13.61 -7.34
N ILE A 119 -5.65 -14.14 -7.32
CA ILE A 119 -6.35 -14.61 -8.50
C ILE A 119 -7.60 -13.78 -8.64
N PHE A 120 -7.73 -13.14 -9.80
CA PHE A 120 -8.82 -12.21 -10.11
C PHE A 120 -9.76 -12.97 -11.00
N TYR A 121 -11.09 -12.69 -10.88
CA TYR A 121 -12.07 -13.23 -11.79
C TYR A 121 -13.13 -12.18 -12.09
N LEU A 122 -13.74 -12.26 -13.27
CA LEU A 122 -14.71 -11.34 -13.79
C LEU A 122 -14.15 -9.93 -13.96
N GLY A 123 -12.86 -9.78 -14.26
CA GLY A 123 -12.26 -8.46 -14.36
C GLY A 123 -12.57 -7.73 -15.65
N GLN A 124 -12.61 -6.42 -15.53
CA GLN A 124 -12.67 -5.57 -16.71
C GLN A 124 -11.46 -4.63 -16.80
N GLU A 125 -11.04 -4.35 -18.04
CA GLU A 125 -10.04 -3.32 -18.29
C GLU A 125 -10.66 -1.92 -18.21
N VAL A 126 -10.24 -1.12 -17.20
CA VAL A 126 -10.88 0.17 -17.02
C VAL A 126 -9.92 1.33 -17.07
N ALA A 127 -10.41 2.42 -17.66
CA ALA A 127 -9.69 3.70 -17.67
C ALA A 127 -10.59 4.87 -17.27
N THR A 128 -9.97 5.87 -16.66
CA THR A 128 -10.63 7.16 -16.42
C THR A 128 -9.82 8.24 -17.12
N THR A 129 -10.45 9.39 -17.40
CA THR A 129 -9.70 10.48 -18.04
C THR A 129 -9.49 11.55 -16.99
N LYS A 130 -8.24 11.90 -16.61
CA LYS A 130 -8.06 13.07 -15.74
C LYS A 130 -7.09 14.01 -16.46
N ASP A 131 -7.49 15.29 -16.57
CA ASP A 131 -6.67 16.29 -17.21
C ASP A 131 -6.46 15.86 -18.67
N GLY A 132 -7.55 15.61 -19.41
CA GLY A 132 -7.46 15.18 -20.81
C GLY A 132 -6.64 13.90 -21.13
N LYS A 133 -5.84 13.28 -20.21
CA LYS A 133 -5.12 12.00 -20.43
C LYS A 133 -5.92 10.80 -19.84
N GLN A 134 -6.05 9.69 -20.62
CA GLN A 134 -6.53 8.37 -20.19
C GLN A 134 -5.54 7.72 -19.18
N ARG A 135 -6.01 7.22 -18.03
CA ARG A 135 -5.15 6.51 -17.06
C ARG A 135 -5.82 5.16 -16.72
N MET A 136 -5.00 4.13 -16.62
CA MET A 136 -5.52 2.82 -16.26
C MET A 136 -5.95 2.79 -14.79
N GLU A 137 -7.06 2.14 -14.53
CA GLU A 137 -7.47 1.94 -13.15
C GLU A 137 -7.15 0.48 -12.81
N PRO A 138 -6.84 0.12 -11.57
CA PRO A 138 -6.48 -1.27 -11.26
C PRO A 138 -7.67 -2.20 -11.41
N ILE A 139 -7.34 -3.46 -11.66
CA ILE A 139 -8.32 -4.49 -12.00
C ILE A 139 -9.17 -4.77 -10.77
N TYR A 140 -8.59 -4.48 -9.56
CA TYR A 140 -9.22 -4.89 -8.30
C TYR A 140 -10.38 -3.95 -7.91
N ILE A 141 -10.49 -2.79 -8.58
CA ILE A 141 -11.67 -1.97 -8.40
C ILE A 141 -12.81 -2.43 -9.29
N SER A 142 -12.56 -3.25 -10.30
CA SER A 142 -13.63 -3.80 -11.14
C SER A 142 -14.05 -5.19 -10.65
N CYS A 143 -13.19 -5.95 -9.96
CA CYS A 143 -13.58 -7.34 -9.78
C CYS A 143 -13.08 -7.93 -8.45
N PRO A 144 -13.66 -9.03 -7.95
CA PRO A 144 -13.21 -9.72 -6.73
C PRO A 144 -11.84 -10.31 -6.87
N GLU A 145 -11.13 -10.52 -5.73
CA GLU A 145 -9.88 -11.30 -5.67
C GLU A 145 -9.92 -12.47 -4.66
N TYR A 146 -9.36 -13.60 -5.07
CA TYR A 146 -9.09 -14.75 -4.18
C TYR A 146 -7.65 -14.52 -3.77
N GLN A 147 -7.43 -14.04 -2.57
CA GLN A 147 -6.07 -13.82 -2.12
C GLN A 147 -5.23 -15.09 -2.11
N VAL A 148 -3.94 -14.81 -2.41
CA VAL A 148 -2.82 -15.75 -2.35
C VAL A 148 -1.73 -15.27 -1.41
N LEU A 149 -1.35 -16.11 -0.45
CA LEU A 149 -0.56 -15.50 0.61
C LEU A 149 0.14 -16.56 1.41
N ASP A 150 1.37 -16.26 1.88
CA ASP A 150 1.95 -16.98 3.02
C ASP A 150 1.35 -16.38 4.30
N ASN A 151 0.35 -17.07 4.86
CA ASN A 151 -0.41 -16.60 6.00
C ASN A 151 0.48 -16.45 7.24
N GLU A 152 1.55 -17.27 7.35
CA GLU A 152 2.38 -17.36 8.55
C GLU A 152 3.34 -16.18 8.62
N ASN A 153 3.77 -15.65 7.49
CA ASN A 153 4.84 -14.67 7.53
C ASN A 153 4.46 -13.36 6.85
N HIS A 154 3.20 -13.07 6.63
CA HIS A 154 2.96 -11.82 5.94
C HIS A 154 1.95 -11.04 6.74
N PRO A 155 2.22 -9.74 6.89
CA PRO A 155 1.45 -8.87 7.79
C PRO A 155 -0.03 -8.64 7.43
N ASP A 156 -0.40 -8.83 6.15
CA ASP A 156 -1.79 -8.72 5.77
C ASP A 156 -2.58 -9.81 6.53
N ALA A 157 -1.97 -10.93 6.88
CA ALA A 157 -2.71 -11.94 7.62
C ALA A 157 -3.43 -11.38 8.86
N LYS A 158 -2.79 -10.39 9.47
CA LYS A 158 -3.26 -9.83 10.73
C LYS A 158 -4.34 -8.78 10.44
N LEU A 159 -4.49 -8.32 9.20
CA LEU A 159 -4.91 -6.94 8.98
C LEU A 159 -6.38 -6.85 8.58
N GLY A 160 -6.99 -7.96 8.38
CA GLY A 160 -8.38 -7.65 8.13
C GLY A 160 -9.17 -7.76 9.42
N VAL A 161 -10.46 -7.94 9.19
CA VAL A 161 -11.43 -8.52 10.11
C VAL A 161 -11.51 -10.04 9.89
N ASP A 162 -11.31 -10.83 10.96
CA ASP A 162 -11.58 -12.26 10.98
C ASP A 162 -10.87 -13.09 9.91
N GLY A 163 -9.68 -12.65 9.48
CA GLY A 163 -8.84 -13.38 8.51
C GLY A 163 -9.21 -13.15 7.02
N ASN A 164 -10.06 -12.14 6.75
CA ASN A 164 -10.57 -11.93 5.40
C ASN A 164 -9.48 -11.41 4.47
N ARG A 165 -8.22 -11.42 4.95
CA ARG A 165 -7.07 -11.06 4.11
C ARG A 165 -6.05 -12.22 4.06
N LYS A 166 -6.38 -13.36 4.65
CA LYS A 166 -5.60 -14.59 4.47
C LYS A 166 -6.02 -15.30 3.17
N SER A 167 -5.30 -16.37 2.84
CA SER A 167 -5.40 -16.98 1.52
C SER A 167 -6.81 -17.56 1.26
N ALA A 168 -7.27 -17.47 -0.01
CA ALA A 168 -8.51 -18.08 -0.49
C ALA A 168 -9.71 -17.25 -0.10
N SER A 169 -9.46 -16.22 0.67
CA SER A 169 -10.56 -15.38 1.08
C SER A 169 -11.01 -14.52 -0.11
N LEU A 170 -12.22 -14.01 -0.09
CA LEU A 170 -12.51 -12.88 -0.96
C LEU A 170 -11.90 -11.65 -0.27
N TYR A 171 -10.85 -11.11 -0.84
CA TYR A 171 -9.92 -10.26 -0.10
C TYR A 171 -10.63 -9.03 0.47
N ASP A 172 -10.61 -8.89 1.81
CA ASP A 172 -11.25 -7.88 2.63
C ASP A 172 -12.79 -7.95 2.66
N MET A 173 -13.45 -9.02 2.09
CA MET A 173 -14.87 -9.18 2.35
C MET A 173 -15.16 -10.43 3.12
N ILE A 174 -14.72 -11.59 2.67
CA ILE A 174 -15.14 -12.85 3.31
C ILE A 174 -13.92 -13.74 3.56
N PRO A 175 -13.72 -14.17 4.81
CA PRO A 175 -12.63 -15.08 5.16
C PRO A 175 -12.88 -16.47 4.61
N ALA A 176 -11.78 -17.13 4.34
CA ALA A 176 -11.84 -18.56 4.15
C ALA A 176 -11.92 -19.29 5.51
N VAL A 177 -12.97 -20.14 5.58
CA VAL A 177 -13.14 -21.09 6.64
C VAL A 177 -13.45 -22.47 6.08
N PRO A 178 -12.70 -23.54 6.42
CA PRO A 178 -11.43 -23.47 7.16
C PRO A 178 -10.28 -22.89 6.35
N GLN A 179 -9.24 -22.44 7.06
CA GLN A 179 -8.03 -21.96 6.43
C GLN A 179 -7.04 -23.11 6.32
N ASN A 180 -7.08 -23.95 5.28
CA ASN A 180 -6.36 -25.23 5.20
C ASN A 180 -5.16 -25.01 4.30
N ALA A 181 -4.73 -23.75 4.17
CA ALA A 181 -3.51 -23.54 3.39
C ALA A 181 -2.36 -24.41 3.92
N LYS A 182 -1.48 -24.87 3.01
CA LYS A 182 -0.20 -25.50 3.35
C LYS A 182 0.85 -24.43 3.64
N PRO A 183 1.99 -24.79 4.29
CA PRO A 183 3.14 -23.88 4.49
C PRO A 183 3.75 -23.43 3.16
N TYR A 184 4.34 -22.22 3.12
CA TYR A 184 5.02 -21.77 1.90
C TYR A 184 5.91 -22.88 1.32
N GLY A 185 6.22 -22.70 0.03
CA GLY A 185 7.09 -23.61 -0.70
C GLY A 185 6.33 -24.82 -1.21
N GLU A 186 5.06 -25.01 -0.81
CA GLU A 186 4.29 -26.15 -1.27
C GLU A 186 3.17 -25.73 -2.25
N TRP A 187 2.78 -26.67 -3.07
CA TRP A 187 1.74 -26.40 -4.02
C TRP A 187 0.40 -26.52 -3.31
N ASN A 188 -0.47 -25.51 -3.48
CA ASN A 188 -1.81 -25.49 -2.95
C ASN A 188 -2.75 -25.63 -4.13
N LYS A 189 -3.92 -26.26 -3.94
CA LYS A 189 -4.93 -26.31 -4.98
C LYS A 189 -6.01 -25.24 -4.76
N ALA A 190 -6.33 -24.46 -5.81
CA ALA A 190 -7.35 -23.42 -5.73
C ALA A 190 -8.53 -23.75 -6.62
N LYS A 191 -9.76 -23.51 -6.18
CA LYS A 191 -10.90 -23.62 -7.06
C LYS A 191 -11.64 -22.30 -6.96
N ILE A 192 -12.05 -21.72 -8.10
CA ILE A 192 -13.00 -20.61 -8.07
C ILE A 192 -14.13 -20.99 -8.97
N MET A 193 -15.34 -21.09 -8.44
CA MET A 193 -16.50 -21.32 -9.30
C MET A 193 -17.39 -20.08 -9.32
N VAL A 194 -17.86 -19.72 -10.48
CA VAL A 194 -18.91 -18.77 -10.63
C VAL A 194 -20.00 -19.46 -11.47
N TYR A 195 -21.21 -19.67 -10.93
CA TYR A 195 -22.32 -20.25 -11.67
C TYR A 195 -23.56 -19.36 -11.45
N LYS A 196 -24.04 -18.71 -12.49
CA LYS A 196 -25.24 -17.88 -12.39
C LYS A 196 -25.23 -16.97 -11.13
N GLY A 197 -24.18 -16.19 -10.95
CA GLY A 197 -24.07 -15.26 -9.83
C GLY A 197 -23.69 -15.88 -8.46
N THR A 198 -23.66 -17.21 -8.35
CA THR A 198 -23.26 -17.88 -7.15
C THR A 198 -21.75 -18.09 -7.27
N VAL A 199 -20.96 -17.80 -6.25
CA VAL A 199 -19.51 -17.90 -6.31
C VAL A 199 -19.04 -18.78 -5.18
N VAL A 200 -18.15 -19.72 -5.45
CA VAL A 200 -17.54 -20.50 -4.38
C VAL A 200 -16.02 -20.48 -4.56
N HIS A 201 -15.30 -20.30 -3.48
CA HIS A 201 -13.88 -20.46 -3.45
C HIS A 201 -13.59 -21.82 -2.86
N GLY A 202 -12.55 -22.48 -3.36
CA GLY A 202 -12.07 -23.76 -2.85
C GLY A 202 -10.59 -23.60 -2.48
N GLN A 203 -10.14 -24.28 -1.42
CA GLN A 203 -8.71 -24.41 -1.18
C GLN A 203 -8.48 -25.84 -0.76
N ASN A 204 -7.47 -26.47 -1.36
CA ASN A 204 -7.06 -27.85 -1.15
C ASN A 204 -8.25 -28.76 -0.92
N ASP A 205 -9.19 -28.76 -1.87
CA ASP A 205 -10.24 -29.75 -1.96
C ASP A 205 -11.24 -29.60 -0.83
N GLN A 206 -11.31 -28.43 -0.16
CA GLN A 206 -12.55 -28.00 0.48
C GLN A 206 -13.07 -26.66 0.00
N ASN A 207 -14.40 -26.56 0.02
CA ASN A 207 -15.05 -25.31 -0.30
C ASN A 207 -14.96 -24.41 0.93
N VAL A 208 -14.47 -23.17 0.80
CA VAL A 208 -14.17 -22.38 2.00
C VAL A 208 -14.97 -21.07 2.10
N LEU A 209 -15.75 -20.71 1.07
CA LEU A 209 -16.80 -19.73 1.23
C LEU A 209 -17.71 -19.70 0.04
N GLU A 210 -18.73 -18.85 0.14
CA GLU A 210 -19.76 -18.77 -0.87
C GLU A 210 -20.39 -17.41 -0.82
N TYR A 211 -20.69 -16.77 -1.94
CA TYR A 211 -21.48 -15.57 -1.86
C TYR A 211 -22.36 -15.49 -3.08
N HIS A 212 -23.12 -14.38 -3.20
CA HIS A 212 -24.01 -14.18 -4.34
C HIS A 212 -23.87 -12.78 -4.91
N LEU A 213 -23.44 -12.70 -6.19
CA LEU A 213 -23.32 -11.40 -6.83
C LEU A 213 -24.71 -10.83 -7.17
N TRP A 214 -24.68 -9.49 -7.25
CA TRP A 214 -25.68 -8.57 -7.78
C TRP A 214 -26.93 -8.56 -6.89
N THR A 215 -26.75 -8.71 -5.58
CA THR A 215 -27.80 -8.82 -4.57
C THR A 215 -27.58 -7.68 -3.59
N PRO A 216 -28.59 -7.44 -2.76
CA PRO A 216 -28.41 -6.41 -1.74
C PRO A 216 -27.36 -6.85 -0.72
N GLN A 217 -27.28 -8.14 -0.40
CA GLN A 217 -26.28 -8.64 0.55
C GLN A 217 -24.86 -8.35 0.00
N TRP A 218 -24.74 -8.42 -1.34
CA TRP A 218 -23.53 -8.05 -2.07
C TRP A 218 -23.26 -6.55 -1.86
N THR A 219 -24.30 -5.78 -2.12
CA THR A 219 -24.23 -4.35 -1.90
C THR A 219 -23.71 -4.06 -0.50
N GLU A 220 -24.31 -4.71 0.50
CA GLU A 220 -23.92 -4.58 1.90
C GLU A 220 -22.46 -4.98 2.13
N MET A 221 -22.03 -6.14 1.64
CA MET A 221 -20.66 -6.56 1.88
C MET A 221 -19.67 -5.47 1.40
N LEU A 222 -20.03 -4.81 0.27
CA LEU A 222 -19.23 -3.76 -0.30
C LEU A 222 -19.22 -2.51 0.60
N GLU A 223 -20.35 -2.12 1.21
CA GLU A 223 -20.44 -1.00 2.17
C GLU A 223 -19.60 -1.12 3.46
N LYS A 224 -19.33 -2.34 3.91
CA LYS A 224 -18.40 -2.73 4.96
C LYS A 224 -16.94 -2.75 4.49
N SER A 225 -16.67 -2.79 3.20
CA SER A 225 -15.31 -2.99 2.71
C SER A 225 -14.63 -1.66 2.43
N LYS A 226 -13.38 -1.74 1.95
CA LYS A 226 -12.64 -0.59 1.43
C LYS A 226 -13.20 -0.13 0.09
N PHE A 227 -14.23 -0.83 -0.45
CA PHE A 227 -14.82 -0.55 -1.76
C PHE A 227 -16.17 0.10 -1.48
N SER A 228 -16.27 0.63 -0.27
CA SER A 228 -17.51 1.21 0.26
C SER A 228 -17.89 2.38 -0.65
N PRO A 229 -19.16 2.73 -0.90
CA PRO A 229 -19.52 3.85 -1.77
C PRO A 229 -18.86 5.17 -1.36
N GLU A 230 -18.60 5.34 -0.06
CA GLU A 230 -18.07 6.63 0.36
C GLU A 230 -16.54 6.59 0.23
N LYS A 231 -15.88 5.59 0.82
CA LYS A 231 -14.46 5.36 0.63
C LYS A 231 -13.92 5.21 -0.79
N TRP A 232 -14.72 4.81 -1.80
CA TRP A 232 -14.23 4.70 -3.18
C TRP A 232 -15.39 4.63 -4.16
N PRO A 233 -15.99 5.76 -4.61
CA PRO A 233 -17.14 5.69 -5.54
C PRO A 233 -17.04 4.84 -6.84
N LEU A 234 -15.94 4.98 -7.60
CA LEU A 234 -15.87 4.23 -8.84
C LEU A 234 -15.75 2.71 -8.58
N ALA A 235 -15.00 2.27 -7.57
CA ALA A 235 -14.95 0.85 -7.23
C ALA A 235 -16.34 0.30 -6.92
N PHE A 236 -17.09 1.05 -6.07
CA PHE A 236 -18.37 0.51 -5.63
C PHE A 236 -19.24 0.28 -6.88
N GLU A 237 -19.17 1.22 -7.82
CA GLU A 237 -20.04 1.14 -8.98
C GLU A 237 -19.76 -0.12 -9.81
N LEU A 238 -18.47 -0.47 -9.91
CA LEU A 238 -17.99 -1.54 -10.79
C LEU A 238 -18.21 -2.85 -10.09
N LEU A 239 -17.87 -2.89 -8.81
CA LEU A 239 -18.08 -4.12 -8.08
C LEU A 239 -19.53 -4.46 -7.87
N ASN A 240 -20.40 -3.46 -7.70
CA ASN A 240 -21.80 -3.74 -7.47
C ASN A 240 -22.43 -4.20 -8.77
N ASN A 241 -21.88 -3.75 -9.89
CA ASN A 241 -22.37 -4.16 -11.19
C ASN A 241 -21.30 -5.08 -11.82
N CYS A 242 -20.73 -6.00 -10.99
CA CYS A 242 -19.59 -6.81 -11.36
C CYS A 242 -19.82 -7.52 -12.68
N GLY A 243 -18.84 -7.36 -13.62
CA GLY A 243 -18.83 -8.08 -14.89
C GLY A 243 -19.55 -7.35 -16.00
N GLY A 244 -19.94 -6.11 -15.71
CA GLY A 244 -20.50 -5.21 -16.68
C GLY A 244 -21.93 -5.65 -16.98
N ALA A 245 -22.44 -5.13 -18.09
CA ALA A 245 -23.77 -5.42 -18.56
C ALA A 245 -23.89 -6.91 -18.87
N GLN A 246 -22.82 -7.54 -19.41
CA GLN A 246 -22.93 -8.90 -19.91
C GLN A 246 -22.48 -9.91 -18.85
N ARG A 247 -22.11 -9.45 -17.63
CA ARG A 247 -21.67 -10.30 -16.51
C ARG A 247 -20.56 -11.32 -16.85
N GLU A 248 -19.49 -10.84 -17.51
CA GLU A 248 -18.45 -11.74 -18.00
C GLU A 248 -17.13 -11.02 -17.85
N GLY A 249 -16.03 -11.77 -17.73
CA GLY A 249 -14.80 -11.09 -17.32
C GLY A 249 -13.54 -11.95 -17.39
N TYR A 250 -12.41 -11.26 -17.30
CA TYR A 250 -11.12 -11.90 -17.42
C TYR A 250 -10.73 -12.52 -16.09
N ILE A 251 -10.02 -13.64 -16.17
CA ILE A 251 -9.27 -14.24 -15.08
C ILE A 251 -7.84 -13.67 -15.11
N GLY A 252 -7.19 -13.58 -13.97
CA GLY A 252 -5.78 -13.16 -13.99
C GLY A 252 -5.03 -13.28 -12.63
N PHE A 253 -3.74 -12.93 -12.62
CA PHE A 253 -2.88 -13.10 -11.46
C PHE A 253 -2.23 -11.78 -11.06
N GLN A 254 -1.97 -11.61 -9.73
CA GLN A 254 -1.60 -10.32 -9.20
C GLN A 254 -0.07 -10.24 -9.05
N ASP A 255 0.51 -9.15 -9.61
CA ASP A 255 1.81 -8.59 -9.28
C ASP A 255 1.67 -7.87 -7.98
N HIS A 256 2.26 -8.44 -6.92
CA HIS A 256 2.36 -7.71 -5.66
C HIS A 256 3.81 -7.75 -5.12
N GLY A 257 4.82 -7.66 -6.03
CA GLY A 257 6.22 -7.46 -5.72
C GLY A 257 6.95 -8.69 -5.15
N ASP A 258 6.29 -9.85 -5.03
CA ASP A 258 6.80 -11.02 -4.33
C ASP A 258 6.85 -12.25 -5.24
N ASP A 259 7.67 -13.25 -4.91
CA ASP A 259 7.82 -14.44 -5.76
C ASP A 259 6.62 -15.40 -5.62
N VAL A 260 5.99 -15.74 -6.74
CA VAL A 260 4.87 -16.67 -6.73
C VAL A 260 4.83 -17.50 -8.03
N TRP A 261 4.33 -18.74 -7.93
CA TRP A 261 4.20 -19.64 -9.07
C TRP A 261 2.74 -20.13 -9.22
N PHE A 262 2.28 -20.27 -10.45
CA PHE A 262 1.04 -20.94 -10.77
C PHE A 262 1.30 -21.98 -11.85
N ARG A 263 0.59 -23.10 -11.73
CA ARG A 263 0.61 -24.10 -12.76
C ARG A 263 -0.72 -24.84 -12.79
N ASN A 264 -0.83 -25.86 -13.65
CA ASN A 264 -2.02 -26.66 -13.92
C ASN A 264 -3.28 -25.82 -13.95
N ILE A 265 -3.26 -24.86 -14.86
CA ILE A 265 -4.28 -23.84 -14.88
C ILE A 265 -5.30 -24.32 -15.84
N ARG A 266 -6.50 -24.66 -15.38
CA ARG A 266 -7.54 -25.07 -16.33
C ARG A 266 -8.91 -24.60 -15.89
N ILE A 267 -9.78 -24.45 -16.89
CA ILE A 267 -11.08 -23.84 -16.65
C ILE A 267 -12.12 -24.60 -17.46
N LYS A 268 -13.19 -25.03 -16.76
CA LYS A 268 -14.39 -25.60 -17.38
C LYS A 268 -15.47 -24.54 -17.55
N VAL A 269 -15.96 -24.36 -18.78
CA VAL A 269 -17.12 -23.48 -19.00
C VAL A 269 -18.42 -24.24 -18.68
N LEU A 270 -19.48 -23.57 -18.15
CA LEU A 270 -20.49 -24.31 -17.38
C LEU A 270 -21.90 -24.37 -18.00
N ASP A 271 -22.37 -25.66 -18.19
CA ASP A 271 -23.48 -26.12 -19.07
C ASP A 271 -23.98 -27.51 -18.63
N ALA B 21 5.46 23.39 -16.23
CA ALA B 21 6.54 23.60 -15.22
C ALA B 21 6.62 22.38 -14.32
N VAL B 22 7.12 21.22 -14.81
CA VAL B 22 7.53 20.09 -13.97
C VAL B 22 8.91 20.49 -13.42
N PRO B 23 9.00 21.10 -12.22
CA PRO B 23 10.19 21.90 -11.91
C PRO B 23 11.33 20.92 -11.76
N GLU B 24 12.54 21.48 -11.65
CA GLU B 24 13.72 20.64 -11.59
C GLU B 24 14.28 20.73 -10.17
N TYR B 25 14.63 19.56 -9.63
CA TYR B 25 15.22 19.48 -8.31
C TYR B 25 16.58 18.82 -8.41
N THR B 26 17.36 18.89 -7.35
CA THR B 26 18.44 17.95 -7.13
C THR B 26 18.15 17.12 -5.89
N VAL B 27 18.27 15.78 -5.95
CA VAL B 27 18.38 15.03 -4.70
C VAL B 27 19.77 15.20 -4.08
N ILE B 28 19.84 15.64 -2.82
CA ILE B 28 21.07 15.66 -2.05
C ILE B 28 21.23 14.32 -1.35
N ASN B 29 22.35 13.61 -1.61
CA ASN B 29 22.63 12.38 -0.86
C ASN B 29 23.84 12.48 0.05
N ASN B 30 23.63 12.53 1.36
CA ASN B 30 24.73 12.54 2.33
C ASN B 30 25.15 11.15 2.86
N ALA B 31 26.23 11.18 3.66
CA ALA B 31 26.71 10.12 4.56
C ALA B 31 25.58 9.51 5.36
N THR B 32 25.46 8.16 5.32
CA THR B 32 24.52 7.41 6.15
C THR B 32 25.24 6.61 7.25
N VAL B 33 24.52 6.21 8.27
CA VAL B 33 25.11 5.32 9.25
C VAL B 33 24.64 3.89 8.99
N ASP B 34 25.55 3.00 9.37
CA ASP B 34 25.31 1.58 9.48
C ASP B 34 24.38 1.28 10.69
N LEU B 35 23.58 0.20 10.62
CA LEU B 35 22.68 -0.19 11.71
C LEU B 35 23.32 -1.13 12.78
N ALA B 36 24.47 -1.72 12.47
CA ALA B 36 25.12 -2.65 13.39
C ALA B 36 25.48 -2.04 14.75
N GLY B 37 25.85 -0.75 14.78
CA GLY B 37 26.21 -0.10 16.03
C GLY B 37 25.04 -0.06 17.03
N PHE B 38 23.81 -0.08 16.53
CA PHE B 38 22.68 0.16 17.43
C PHE B 38 22.31 -1.20 18.01
N PRO B 39 22.01 -1.28 19.31
CA PRO B 39 21.55 -2.53 19.89
C PRO B 39 20.26 -3.10 19.26
N GLN B 40 20.15 -4.42 19.23
CA GLN B 40 18.91 -5.03 18.79
C GLN B 40 18.21 -5.70 19.97
N ASP B 41 16.88 -5.63 19.99
CA ASP B 41 16.10 -6.24 21.05
C ASP B 41 15.79 -7.62 20.53
N LYS B 42 15.13 -8.44 21.38
CA LYS B 42 14.76 -9.82 21.08
C LYS B 42 13.82 -9.88 19.87
N ASP B 43 12.92 -8.89 19.74
CA ASP B 43 11.94 -8.83 18.66
C ASP B 43 12.62 -8.49 17.35
N GLY B 44 13.86 -7.99 17.42
CA GLY B 44 14.62 -7.74 16.21
C GLY B 44 14.55 -6.29 15.75
N TYR B 45 13.88 -5.43 16.53
CA TYR B 45 14.01 -4.00 16.29
C TYR B 45 15.40 -3.48 16.72
N TYR B 46 16.11 -2.72 15.88
CA TYR B 46 17.16 -1.83 16.37
C TYR B 46 16.64 -0.64 17.20
N VAL B 47 17.33 -0.31 18.31
CA VAL B 47 16.97 0.80 19.15
C VAL B 47 17.87 1.94 18.68
N ILE B 48 17.31 2.96 17.98
CA ILE B 48 18.16 3.93 17.29
C ILE B 48 18.26 5.25 18.09
N PHE B 49 17.74 5.21 19.30
CA PHE B 49 17.88 6.25 20.32
C PHE B 49 18.27 5.55 21.66
N ASP B 50 19.51 5.84 22.18
CA ASP B 50 20.06 5.32 23.45
C ASP B 50 19.52 6.06 24.70
N GLY B 51 18.89 7.26 24.55
CA GLY B 51 18.36 7.94 25.71
C GLY B 51 19.13 9.17 26.15
N LYS B 52 20.34 9.29 25.59
CA LYS B 52 21.35 10.22 26.11
C LYS B 52 22.06 11.02 25.04
N THR B 53 22.21 10.47 23.83
CA THR B 53 22.96 11.08 22.73
C THR B 53 22.23 11.00 21.38
N PHE B 54 22.66 11.86 20.45
CA PHE B 54 21.97 12.02 19.17
C PHE B 54 22.71 11.22 18.06
N ASN B 55 23.41 10.13 18.42
CA ASN B 55 24.09 9.37 17.40
C ASN B 55 23.15 8.95 16.28
N GLY B 56 23.58 9.37 15.08
CA GLY B 56 22.97 9.04 13.78
C GLY B 56 21.91 10.03 13.30
N TRP B 57 21.51 10.94 14.18
CA TRP B 57 20.54 11.96 13.88
C TRP B 57 21.25 13.23 13.36
N ARG B 58 20.61 13.97 12.47
CA ARG B 58 21.12 15.26 12.03
C ARG B 58 19.96 16.11 11.54
N GLY B 59 20.13 17.42 11.58
CA GLY B 59 19.10 18.29 11.03
C GLY B 59 18.98 18.13 9.52
N TYR B 60 17.73 18.14 8.99
CA TYR B 60 17.46 18.05 7.56
C TYR B 60 18.15 19.20 6.85
N GLY B 61 18.95 18.90 5.80
CA GLY B 61 19.69 19.93 5.08
C GLY B 61 20.70 20.68 5.96
N LYS B 62 21.04 20.11 7.12
CA LYS B 62 22.03 20.72 7.98
C LYS B 62 23.20 19.76 8.30
N ASP B 63 24.33 20.32 8.66
CA ASP B 63 25.51 19.51 8.93
C ASP B 63 25.57 19.07 10.42
N HIS B 64 24.67 19.52 11.29
CA HIS B 64 24.66 19.32 12.72
C HIS B 64 23.25 18.95 13.24
N VAL B 65 23.15 18.61 14.54
CA VAL B 65 21.91 18.60 15.31
C VAL B 65 21.51 20.02 15.70
N PRO B 66 20.32 20.48 15.28
CA PRO B 66 19.84 21.81 15.65
C PRO B 66 19.68 21.95 17.15
N SER B 67 20.09 23.11 17.66
CA SER B 67 20.26 23.26 19.09
C SER B 67 18.91 23.09 19.80
N LYS B 68 17.80 23.39 19.10
CA LYS B 68 16.45 23.35 19.67
C LYS B 68 15.93 21.90 19.84
N TRP B 69 16.51 20.91 19.16
CA TRP B 69 16.36 19.53 19.64
C TRP B 69 17.33 19.27 20.80
N THR B 70 16.82 18.66 21.87
CA THR B 70 17.61 18.36 23.06
C THR B 70 17.20 17.00 23.65
N ILE B 71 17.86 16.63 24.73
CA ILE B 71 17.58 15.38 25.44
C ILE B 71 16.78 15.73 26.69
N ASP B 72 15.74 14.96 27.01
CA ASP B 72 14.95 15.25 28.20
C ASP B 72 14.57 13.89 28.79
N ASN B 73 15.48 13.39 29.64
CA ASN B 73 15.15 12.30 30.53
C ASN B 73 14.78 11.02 29.77
N GLY B 74 15.58 10.61 28.80
CA GLY B 74 15.29 9.37 28.06
C GLY B 74 14.47 9.60 26.77
N ALA B 75 14.18 10.87 26.44
CA ALA B 75 13.49 11.25 25.21
C ALA B 75 14.23 12.36 24.51
N ILE B 76 13.91 12.46 23.21
CA ILE B 76 14.26 13.56 22.35
C ILE B 76 13.13 14.58 22.44
N LYS B 77 13.51 15.85 22.62
CA LYS B 77 12.55 16.89 22.77
C LYS B 77 12.87 18.00 21.79
N PHE B 78 11.79 18.54 21.22
CA PHE B 78 11.85 19.77 20.47
C PHE B 78 11.37 20.90 21.38
N ASN B 79 12.21 21.91 21.41
CA ASN B 79 11.94 23.08 22.22
C ASN B 79 11.43 24.16 21.28
N GLY B 80 10.15 24.46 21.36
CA GLY B 80 9.63 25.37 20.38
C GLY B 80 9.61 26.84 20.78
N SER B 81 9.89 27.69 19.78
CA SER B 81 9.65 29.11 19.92
C SER B 81 8.31 29.59 19.28
N GLY B 82 7.47 28.75 18.67
CA GLY B 82 6.06 29.14 18.41
C GLY B 82 5.79 29.81 17.04
N GLY B 83 6.70 29.65 16.05
CA GLY B 83 6.37 30.19 14.73
C GLY B 83 5.88 29.15 13.67
N GLY B 84 5.20 28.06 14.09
CA GLY B 84 4.81 26.99 13.17
C GLY B 84 5.85 26.48 12.16
N GLU B 85 5.64 26.80 10.87
CA GLU B 85 6.40 26.26 9.76
C GLU B 85 7.72 27.02 9.61
N ALA B 86 7.88 28.11 10.38
CA ALA B 86 8.96 29.07 10.11
C ALA B 86 10.36 28.46 10.32
N GLN B 87 10.51 27.54 11.31
CA GLN B 87 11.77 26.86 11.62
C GLN B 87 12.92 27.88 11.88
N ASP B 88 12.70 28.86 12.77
CA ASP B 88 13.61 29.96 13.04
C ASP B 88 14.62 29.46 14.05
N GLY B 89 15.81 30.10 14.09
CA GLY B 89 16.89 29.73 15.01
C GLY B 89 17.60 28.49 14.49
N ASP B 90 18.35 27.80 15.37
CA ASP B 90 18.92 26.50 15.01
C ASP B 90 17.80 25.46 15.17
N GLY B 91 16.85 25.49 14.22
CA GLY B 91 15.70 24.60 14.23
C GLY B 91 15.69 23.66 13.02
N GLY B 92 14.50 23.32 12.56
CA GLY B 92 14.36 22.46 11.40
C GLY B 92 14.08 21.03 11.85
N ASP B 93 13.76 20.22 10.87
CA ASP B 93 13.33 18.88 11.13
C ASP B 93 14.53 18.04 11.45
N LEU B 94 14.32 17.02 12.29
CA LEU B 94 15.41 16.12 12.59
C LEU B 94 15.23 14.79 11.92
N ILE B 95 16.32 14.29 11.27
CA ILE B 95 16.30 12.98 10.63
C ILE B 95 17.35 11.99 11.15
N PHE B 96 17.02 10.71 11.01
CA PHE B 96 17.94 9.62 11.32
C PHE B 96 18.64 9.25 10.00
N THR B 97 19.94 9.26 9.94
CA THR B 97 20.68 9.24 8.69
C THR B 97 20.85 7.81 8.15
N HIS B 98 19.76 7.05 8.10
CA HIS B 98 19.82 5.78 7.38
C HIS B 98 18.55 5.73 6.58
N LYS B 99 18.66 5.21 5.36
CA LYS B 99 17.53 5.08 4.46
C LYS B 99 16.88 3.72 4.66
N PHE B 100 15.60 3.68 4.99
CA PHE B 100 14.92 2.39 5.16
C PHE B 100 14.01 2.18 3.95
N LYS B 101 13.81 0.94 3.45
CA LYS B 101 12.86 0.70 2.35
C LYS B 101 11.60 0.02 2.89
N ASN B 102 11.77 -1.17 3.48
CA ASN B 102 10.65 -1.84 4.16
C ASN B 102 10.99 -1.98 5.64
N PHE B 103 10.09 -1.45 6.49
CA PHE B 103 10.38 -1.28 7.90
C PHE B 103 9.08 -1.24 8.70
N GLU B 104 9.22 -1.54 10.01
CA GLU B 104 8.20 -1.24 11.00
C GLU B 104 8.82 -0.37 12.09
N LEU B 105 8.30 0.87 12.19
CA LEU B 105 8.75 1.83 13.16
C LEU B 105 7.78 1.94 14.30
N GLU B 106 8.26 1.76 15.54
CA GLU B 106 7.51 2.07 16.74
C GLU B 106 8.20 3.20 17.53
N VAL B 107 7.36 4.18 17.87
CA VAL B 107 7.76 5.38 18.59
C VAL B 107 6.68 5.66 19.62
N GLU B 108 7.05 6.25 20.76
CA GLU B 108 6.05 6.82 21.65
C GLU B 108 6.22 8.33 21.59
N TRP B 109 5.12 9.11 21.68
CA TRP B 109 5.16 10.56 21.49
C TRP B 109 4.24 11.21 22.48
N LYS B 110 4.63 12.44 22.85
CA LYS B 110 3.74 13.22 23.75
C LYS B 110 3.82 14.67 23.33
N VAL B 111 2.71 15.38 23.46
CA VAL B 111 2.59 16.77 23.04
C VAL B 111 2.29 17.60 24.27
N ALA B 112 2.87 18.77 24.35
CA ALA B 112 2.29 19.79 25.25
C ALA B 112 0.93 20.28 24.72
N LYS B 113 0.24 21.02 25.58
CA LYS B 113 -1.06 21.57 25.26
C LYS B 113 -0.88 22.37 23.99
N GLY B 114 -1.69 22.08 22.95
CA GLY B 114 -1.66 22.82 21.70
C GLY B 114 -0.56 22.45 20.68
N SER B 115 0.24 21.39 20.95
CA SER B 115 1.48 21.19 20.20
C SER B 115 1.15 20.47 18.91
N ASN B 116 1.90 20.85 17.85
CA ASN B 116 1.91 20.21 16.52
C ASN B 116 3.33 19.67 16.24
N SER B 117 3.39 18.44 15.74
CA SER B 117 4.62 17.99 15.13
C SER B 117 4.23 16.91 14.12
N GLY B 118 5.16 15.99 13.88
CA GLY B 118 4.88 14.91 12.96
C GLY B 118 6.07 13.97 12.83
N ILE B 119 5.79 12.79 12.28
CA ILE B 119 6.77 11.77 11.95
C ILE B 119 6.73 11.59 10.43
N PHE B 120 7.87 11.85 9.79
CA PHE B 120 8.04 11.58 8.38
C PHE B 120 8.69 10.22 8.17
N TYR B 121 8.37 9.56 7.08
CA TYR B 121 9.04 8.36 6.63
C TYR B 121 9.28 8.55 5.14
N LEU B 122 10.37 7.94 4.69
CA LEU B 122 10.71 7.85 3.28
C LEU B 122 11.12 9.23 2.74
N GLY B 123 11.65 10.01 3.64
CA GLY B 123 11.96 11.34 3.20
C GLY B 123 13.25 11.37 2.40
N GLN B 124 13.36 12.39 1.57
CA GLN B 124 14.58 12.71 0.86
C GLN B 124 14.92 14.18 1.05
N GLU B 125 16.22 14.43 1.08
CA GLU B 125 16.68 15.79 1.19
C GLU B 125 16.77 16.41 -0.18
N VAL B 126 16.09 17.53 -0.45
CA VAL B 126 15.83 17.95 -1.82
C VAL B 126 16.12 19.44 -1.89
N ALA B 127 16.72 19.83 -3.01
CA ALA B 127 17.12 21.20 -3.26
C ALA B 127 16.68 21.61 -4.66
N THR B 128 16.34 22.92 -4.78
CA THR B 128 16.04 23.62 -6.03
C THR B 128 16.92 24.87 -6.09
N THR B 129 17.31 25.22 -7.32
CA THR B 129 18.18 26.35 -7.52
C THR B 129 17.31 27.44 -8.15
N LYS B 130 17.15 28.60 -7.50
CA LYS B 130 16.46 29.71 -8.14
C LYS B 130 17.51 30.84 -8.27
N ASP B 131 17.80 31.14 -9.55
CA ASP B 131 18.71 32.19 -9.95
C ASP B 131 20.07 31.91 -9.33
N GLY B 132 20.58 30.70 -9.63
CA GLY B 132 21.90 30.25 -9.19
C GLY B 132 22.07 30.08 -7.67
N LYS B 133 21.07 30.45 -6.80
CA LYS B 133 21.11 30.22 -5.34
C LYS B 133 20.42 28.87 -5.06
N GLN B 134 21.09 27.92 -4.37
CA GLN B 134 20.56 26.57 -4.07
C GLN B 134 19.64 26.71 -2.86
N ARG B 135 18.44 26.14 -2.90
CA ARG B 135 17.52 26.31 -1.77
C ARG B 135 17.19 24.92 -1.28
N MET B 136 17.08 24.70 0.03
CA MET B 136 16.49 23.42 0.45
C MET B 136 14.97 23.48 0.28
N GLU B 137 14.39 22.34 -0.08
CA GLU B 137 12.94 22.29 -0.11
C GLU B 137 12.44 21.65 1.20
N PRO B 138 11.21 21.94 1.61
CA PRO B 138 10.71 21.33 2.83
C PRO B 138 10.61 19.82 2.65
N ILE B 139 11.00 19.09 3.72
CA ILE B 139 10.89 17.64 3.76
C ILE B 139 9.45 17.17 3.48
N TYR B 140 8.38 17.87 3.92
CA TYR B 140 7.00 17.36 3.78
C TYR B 140 6.50 17.31 2.33
N ILE B 141 7.27 17.94 1.39
CA ILE B 141 6.91 17.87 -0.02
C ILE B 141 7.41 16.60 -0.69
N SER B 142 8.42 15.92 -0.14
CA SER B 142 8.92 14.66 -0.69
C SER B 142 8.22 13.45 -0.06
N CYS B 143 7.67 13.58 1.17
CA CYS B 143 7.42 12.30 1.87
C CYS B 143 6.15 12.39 2.73
N PRO B 144 5.43 11.29 2.94
CA PRO B 144 4.30 11.22 3.89
C PRO B 144 4.58 11.60 5.34
N GLU B 145 3.59 12.16 6.03
CA GLU B 145 3.68 12.53 7.43
C GLU B 145 2.59 11.87 8.27
N TYR B 146 3.02 11.21 9.33
CA TYR B 146 2.11 10.88 10.43
C TYR B 146 2.01 12.06 11.39
N GLN B 147 0.84 12.65 11.55
CA GLN B 147 0.62 13.89 12.27
C GLN B 147 0.73 13.58 13.76
N VAL B 148 1.34 14.51 14.50
CA VAL B 148 1.37 14.51 15.93
C VAL B 148 0.69 15.81 16.31
N LEU B 149 -0.34 15.75 17.17
CA LEU B 149 -1.17 16.89 17.49
C LEU B 149 -1.93 16.62 18.75
N ASP B 150 -2.07 17.67 19.56
CA ASP B 150 -3.13 17.76 20.54
C ASP B 150 -4.47 18.02 19.85
N ASN B 151 -5.25 16.94 19.66
CA ASN B 151 -6.51 17.03 18.94
C ASN B 151 -7.51 18.01 19.60
N GLU B 152 -7.40 18.21 20.91
CA GLU B 152 -8.33 19.05 21.69
C GLU B 152 -8.04 20.53 21.52
N ASN B 153 -6.81 20.97 21.34
CA ASN B 153 -6.51 22.37 21.58
C ASN B 153 -5.70 22.96 20.43
N HIS B 154 -5.47 22.22 19.34
CA HIS B 154 -4.83 22.80 18.16
C HIS B 154 -5.86 22.92 17.04
N PRO B 155 -5.95 24.12 16.45
CA PRO B 155 -6.93 24.38 15.41
C PRO B 155 -6.94 23.53 14.15
N ASP B 156 -5.82 22.88 13.85
CA ASP B 156 -5.71 22.08 12.62
C ASP B 156 -6.68 20.89 12.76
N ALA B 157 -7.01 20.53 13.99
CA ALA B 157 -7.94 19.47 14.33
C ALA B 157 -9.27 19.65 13.63
N LYS B 158 -9.65 20.92 13.44
CA LYS B 158 -10.91 21.18 12.76
C LYS B 158 -10.73 21.51 11.31
N LEU B 159 -9.56 21.35 10.67
CA LEU B 159 -9.23 22.15 9.49
C LEU B 159 -8.98 21.30 8.26
N GLY B 160 -9.29 20.01 8.27
CA GLY B 160 -9.08 19.47 6.90
C GLY B 160 -10.40 18.93 6.35
N VAL B 161 -10.47 17.62 6.11
CA VAL B 161 -11.69 16.88 5.86
C VAL B 161 -11.70 15.62 6.71
N ASP B 162 -12.68 15.52 7.57
CA ASP B 162 -12.98 14.30 8.31
C ASP B 162 -11.85 13.91 9.26
N GLY B 163 -11.18 14.92 9.81
CA GLY B 163 -10.15 14.65 10.79
C GLY B 163 -8.83 14.17 10.18
N ASN B 164 -8.64 14.41 8.86
CA ASN B 164 -7.43 13.99 8.17
C ASN B 164 -6.20 14.83 8.58
N ARG B 165 -6.34 15.77 9.55
CA ARG B 165 -5.26 16.59 10.07
C ARG B 165 -5.06 16.30 11.56
N LYS B 166 -5.91 15.49 12.15
CA LYS B 166 -5.81 15.07 13.53
C LYS B 166 -4.71 14.00 13.69
N SER B 167 -4.41 13.61 14.93
CA SER B 167 -3.16 12.84 15.19
C SER B 167 -3.21 11.49 14.51
N ALA B 168 -2.07 11.08 13.91
CA ALA B 168 -1.86 9.75 13.31
C ALA B 168 -2.43 9.64 11.90
N SER B 169 -3.25 10.61 11.50
CA SER B 169 -3.65 10.73 10.09
C SER B 169 -2.46 10.84 9.13
N LEU B 170 -2.59 10.32 7.91
CA LEU B 170 -1.74 10.84 6.85
C LEU B 170 -2.13 12.31 6.57
N TYR B 171 -1.22 13.24 6.86
CA TYR B 171 -1.61 14.63 7.02
C TYR B 171 -2.24 15.12 5.73
N ASP B 172 -3.54 15.55 5.83
CA ASP B 172 -4.37 16.11 4.77
C ASP B 172 -4.74 15.08 3.68
N MET B 173 -4.61 13.76 3.94
CA MET B 173 -5.06 12.77 2.98
C MET B 173 -5.98 11.73 3.54
N ILE B 174 -5.62 11.10 4.66
CA ILE B 174 -6.40 10.03 5.23
C ILE B 174 -6.49 10.23 6.74
N PRO B 175 -7.72 10.26 7.31
CA PRO B 175 -7.92 10.36 8.75
C PRO B 175 -7.67 9.07 9.52
N ALA B 176 -7.33 9.22 10.80
CA ALA B 176 -7.13 8.09 11.64
C ALA B 176 -8.49 7.68 12.19
N VAL B 177 -8.80 6.41 11.97
CA VAL B 177 -10.02 5.80 12.42
C VAL B 177 -9.66 4.46 13.06
N PRO B 178 -9.98 4.26 14.36
CA PRO B 178 -10.63 5.27 15.23
C PRO B 178 -9.62 6.31 15.72
N GLN B 179 -10.12 7.34 16.38
CA GLN B 179 -9.21 8.39 16.80
C GLN B 179 -8.98 8.15 18.28
N ASN B 180 -7.98 7.34 18.67
CA ASN B 180 -7.83 6.82 20.04
C ASN B 180 -6.69 7.60 20.76
N ALA B 181 -6.35 8.79 20.30
CA ALA B 181 -5.32 9.56 20.97
C ALA B 181 -5.61 9.79 22.44
N LYS B 182 -4.56 9.76 23.29
CA LYS B 182 -4.67 10.13 24.69
C LYS B 182 -4.62 11.65 24.83
N PRO B 183 -5.09 12.20 25.96
CA PRO B 183 -5.04 13.65 26.24
C PRO B 183 -3.59 14.07 26.29
N TYR B 184 -3.41 15.35 25.98
CA TYR B 184 -2.10 15.94 25.96
C TYR B 184 -1.38 15.68 27.26
N GLY B 185 -0.09 15.38 27.12
CA GLY B 185 0.85 15.28 28.23
C GLY B 185 1.04 13.84 28.68
N GLU B 186 0.29 12.94 28.08
CA GLU B 186 0.52 11.52 28.27
C GLU B 186 1.21 10.95 27.03
N TRP B 187 1.91 9.85 27.24
CA TRP B 187 2.60 9.13 26.19
C TRP B 187 1.60 8.35 25.33
N ASN B 188 1.86 8.35 24.03
CA ASN B 188 1.06 7.66 23.04
C ASN B 188 2.00 6.82 22.17
N LYS B 189 1.45 5.72 21.63
CA LYS B 189 2.25 4.80 20.86
C LYS B 189 1.93 5.03 19.38
N ALA B 190 2.96 4.84 18.54
CA ALA B 190 2.86 5.04 17.12
C ALA B 190 3.49 3.83 16.49
N LYS B 191 2.96 3.41 15.36
CA LYS B 191 3.58 2.39 14.54
C LYS B 191 3.45 2.90 13.12
N ILE B 192 4.53 2.89 12.38
CA ILE B 192 4.46 3.08 10.95
C ILE B 192 5.06 1.85 10.32
N MET B 193 4.26 1.08 9.55
CA MET B 193 4.76 0.01 8.71
C MET B 193 4.66 0.32 7.23
N VAL B 194 5.80 0.11 6.52
CA VAL B 194 5.83 0.10 5.07
C VAL B 194 6.41 -1.22 4.56
N TYR B 195 5.59 -2.07 3.89
CA TYR B 195 6.01 -3.35 3.31
C TYR B 195 5.62 -3.34 1.83
N LYS B 196 6.59 -3.12 0.91
CA LYS B 196 6.32 -3.22 -0.52
C LYS B 196 5.09 -2.40 -0.90
N GLY B 197 5.10 -1.10 -0.59
CA GLY B 197 4.03 -0.20 -1.01
C GLY B 197 2.78 -0.21 -0.10
N THR B 198 2.73 -1.12 0.87
CA THR B 198 1.58 -1.21 1.77
C THR B 198 1.98 -0.55 3.13
N VAL B 199 1.17 0.41 3.55
CA VAL B 199 1.54 1.33 4.60
C VAL B 199 0.41 1.19 5.60
N VAL B 200 0.79 1.01 6.87
CA VAL B 200 -0.16 1.04 7.95
C VAL B 200 0.27 2.05 9.03
N HIS B 201 -0.66 2.84 9.54
CA HIS B 201 -0.37 3.65 10.70
C HIS B 201 -1.15 3.07 11.87
N GLY B 202 -0.46 3.08 13.02
CA GLY B 202 -1.04 2.64 14.29
C GLY B 202 -0.94 3.74 15.32
N GLN B 203 -1.98 3.87 16.10
CA GLN B 203 -2.01 4.79 17.23
C GLN B 203 -2.51 3.99 18.46
N ASN B 204 -1.77 4.05 19.61
CA ASN B 204 -2.07 3.30 20.81
C ASN B 204 -2.52 1.86 20.52
N ASP B 205 -1.74 1.13 19.71
CA ASP B 205 -1.96 -0.30 19.47
C ASP B 205 -3.27 -0.57 18.72
N GLN B 206 -3.71 0.31 17.84
CA GLN B 206 -4.72 -0.08 16.88
C GLN B 206 -4.24 0.45 15.55
N ASN B 207 -4.61 -0.25 14.48
CA ASN B 207 -4.34 0.19 13.13
C ASN B 207 -5.40 1.20 12.78
N VAL B 208 -5.00 2.33 12.22
CA VAL B 208 -5.94 3.43 12.16
C VAL B 208 -6.02 3.96 10.74
N LEU B 209 -5.35 3.31 9.78
CA LEU B 209 -5.46 3.63 8.36
C LEU B 209 -4.48 2.71 7.66
N GLU B 210 -4.74 2.49 6.38
CA GLU B 210 -3.88 1.80 5.44
C GLU B 210 -4.07 2.39 4.03
N TYR B 211 -2.94 2.52 3.30
CA TYR B 211 -2.98 3.02 1.95
C TYR B 211 -1.87 2.34 1.14
N HIS B 212 -1.86 2.58 -0.18
CA HIS B 212 -0.86 1.92 -1.01
C HIS B 212 -0.14 3.01 -1.79
N LEU B 213 1.17 2.82 -1.92
CA LEU B 213 2.07 3.84 -2.45
C LEU B 213 2.32 3.51 -3.90
N TRP B 214 2.43 4.53 -4.75
CA TRP B 214 2.80 4.38 -6.15
C TRP B 214 1.67 3.71 -6.94
N THR B 215 0.50 3.58 -6.35
CA THR B 215 -0.68 3.21 -7.10
C THR B 215 -1.27 4.39 -7.85
N PRO B 216 -2.29 4.12 -8.66
CA PRO B 216 -3.12 5.16 -9.26
C PRO B 216 -4.07 5.72 -8.23
N GLN B 217 -4.46 4.93 -7.22
CA GLN B 217 -5.16 5.48 -6.03
C GLN B 217 -4.34 6.62 -5.32
N TRP B 218 -3.01 6.43 -5.25
CA TRP B 218 -2.05 7.27 -4.55
C TRP B 218 -2.04 8.56 -5.31
N THR B 219 -1.94 8.43 -6.61
CA THR B 219 -1.96 9.60 -7.47
C THR B 219 -3.27 10.40 -7.35
N GLU B 220 -4.38 9.69 -7.15
CA GLU B 220 -5.67 10.33 -7.06
C GLU B 220 -5.70 11.11 -5.76
N MET B 221 -5.18 10.48 -4.67
CA MET B 221 -5.28 11.09 -3.34
C MET B 221 -4.45 12.39 -3.29
N LEU B 222 -3.31 12.38 -4.00
CA LEU B 222 -2.51 13.57 -4.06
C LEU B 222 -3.22 14.68 -4.77
N GLU B 223 -4.00 14.33 -5.82
CA GLU B 223 -4.74 15.29 -6.62
C GLU B 223 -5.84 15.98 -5.82
N LYS B 224 -6.39 15.40 -4.72
CA LYS B 224 -7.34 16.04 -3.79
C LYS B 224 -6.66 16.89 -2.70
N SER B 225 -5.35 16.74 -2.57
CA SER B 225 -4.57 17.30 -1.46
C SER B 225 -3.97 18.66 -1.81
N LYS B 226 -3.26 19.25 -0.83
CA LYS B 226 -2.58 20.51 -1.06
C LYS B 226 -1.30 20.31 -1.84
N PHE B 227 -0.99 19.04 -2.13
CA PHE B 227 0.19 18.66 -2.90
C PHE B 227 -0.22 18.34 -4.35
N SER B 228 -1.33 18.95 -4.79
CA SER B 228 -1.95 18.59 -6.04
C SER B 228 -0.96 18.95 -7.13
N PRO B 229 -1.08 18.33 -8.30
CA PRO B 229 -0.29 18.76 -9.45
C PRO B 229 -0.47 20.24 -9.78
N GLU B 230 -1.73 20.69 -9.72
CA GLU B 230 -2.05 22.10 -9.89
C GLU B 230 -1.50 22.94 -8.70
N LYS B 231 -1.87 22.64 -7.42
CA LYS B 231 -1.60 23.52 -6.27
C LYS B 231 -0.09 23.60 -5.93
N TRP B 232 0.72 22.56 -6.26
CA TRP B 232 2.16 22.57 -5.97
C TRP B 232 2.90 21.51 -6.80
N PRO B 233 3.27 21.83 -8.02
CA PRO B 233 3.89 20.85 -8.90
C PRO B 233 5.09 20.07 -8.36
N LEU B 234 6.08 20.75 -7.74
CA LEU B 234 7.26 20.02 -7.28
C LEU B 234 6.89 18.89 -6.29
N ALA B 235 6.05 19.25 -5.30
CA ALA B 235 5.48 18.35 -4.30
C ALA B 235 4.87 17.13 -4.98
N PHE B 236 3.99 17.36 -5.98
CA PHE B 236 3.29 16.25 -6.64
C PHE B 236 4.31 15.21 -7.17
N GLU B 237 5.29 15.75 -7.90
CA GLU B 237 6.24 14.90 -8.58
C GLU B 237 6.96 14.08 -7.51
N LEU B 238 7.35 14.75 -6.41
CA LEU B 238 8.19 14.08 -5.47
C LEU B 238 7.39 12.99 -4.81
N LEU B 239 6.20 13.35 -4.33
CA LEU B 239 5.38 12.45 -3.55
C LEU B 239 4.87 11.31 -4.43
N ASN B 240 4.54 11.65 -5.67
CA ASN B 240 4.03 10.61 -6.54
C ASN B 240 5.11 9.55 -6.71
N ASN B 241 6.40 9.96 -6.79
CA ASN B 241 7.51 9.05 -6.86
C ASN B 241 8.18 8.98 -5.50
N CYS B 242 7.36 8.72 -4.47
CA CYS B 242 7.87 8.76 -3.13
C CYS B 242 9.14 7.90 -3.01
N GLY B 243 10.16 8.40 -2.29
CA GLY B 243 11.36 7.64 -1.98
C GLY B 243 12.29 7.47 -3.18
N GLY B 244 12.02 8.15 -4.32
CA GLY B 244 12.83 8.02 -5.52
C GLY B 244 12.61 6.66 -6.21
N ALA B 245 13.58 6.39 -7.10
CA ALA B 245 13.68 5.16 -7.86
C ALA B 245 13.93 3.99 -6.90
N GLN B 246 14.76 4.23 -5.89
CA GLN B 246 15.09 3.23 -4.91
C GLN B 246 13.90 2.97 -3.93
N ARG B 247 12.90 3.88 -3.82
CA ARG B 247 11.75 3.71 -2.92
C ARG B 247 12.15 3.56 -1.44
N GLU B 248 13.12 4.35 -0.98
CA GLU B 248 13.76 4.25 0.33
C GLU B 248 14.01 5.69 0.82
N GLY B 249 14.02 5.85 2.15
CA GLY B 249 14.12 7.20 2.67
C GLY B 249 14.30 7.23 4.17
N TYR B 250 14.45 8.46 4.64
CA TYR B 250 14.71 8.73 6.05
C TYR B 250 13.41 8.76 6.88
N ILE B 251 13.55 8.45 8.15
CA ILE B 251 12.62 8.69 9.25
C ILE B 251 13.01 10.04 9.91
N GLY B 252 12.02 10.79 10.42
CA GLY B 252 12.31 12.12 10.93
C GLY B 252 11.15 12.69 11.75
N PHE B 253 11.43 13.80 12.43
CA PHE B 253 10.54 14.39 13.43
C PHE B 253 10.46 15.85 13.02
N GLN B 254 9.29 16.47 13.27
CA GLN B 254 8.99 17.72 12.62
C GLN B 254 9.17 18.80 13.65
N ASP B 255 9.87 19.88 13.26
CA ASP B 255 9.81 21.17 13.91
C ASP B 255 8.58 21.91 13.34
N HIS B 256 7.55 22.12 14.17
CA HIS B 256 6.39 22.93 13.84
C HIS B 256 6.27 24.00 14.90
N GLY B 257 7.37 24.35 15.59
CA GLY B 257 7.38 25.50 16.49
C GLY B 257 6.99 25.15 17.92
N ASP B 258 6.73 23.89 18.21
CA ASP B 258 6.01 23.52 19.40
C ASP B 258 6.68 22.33 20.12
N ASP B 259 6.44 22.30 21.42
CA ASP B 259 7.13 21.44 22.32
C ASP B 259 6.56 20.07 22.07
N VAL B 260 7.48 19.14 21.87
CA VAL B 260 7.07 17.75 21.83
C VAL B 260 8.21 16.78 22.15
N TRP B 261 7.82 15.57 22.57
CA TRP B 261 8.74 14.52 22.96
C TRP B 261 8.42 13.22 22.20
N PHE B 262 9.54 12.57 21.84
CA PHE B 262 9.60 11.24 21.28
C PHE B 262 10.59 10.44 22.12
N ARG B 263 10.21 9.19 22.36
CA ARG B 263 11.13 8.20 22.93
C ARG B 263 10.77 6.79 22.48
N ASN B 264 11.64 5.81 22.76
CA ASN B 264 11.37 4.39 22.46
C ASN B 264 11.35 4.11 20.98
N ILE B 265 12.43 4.51 20.37
CA ILE B 265 12.46 4.64 18.91
C ILE B 265 13.24 3.43 18.46
N ARG B 266 12.44 2.48 17.97
CA ARG B 266 12.96 1.18 17.58
C ARG B 266 12.33 0.88 16.24
N ILE B 267 13.12 0.22 15.36
CA ILE B 267 12.72 -0.03 13.99
C ILE B 267 13.27 -1.38 13.53
N LYS B 268 12.47 -2.03 12.70
CA LYS B 268 12.71 -3.39 12.24
C LYS B 268 12.78 -3.39 10.72
N VAL B 269 13.89 -3.83 10.14
CA VAL B 269 13.97 -4.06 8.71
C VAL B 269 13.24 -5.36 8.40
N LEU B 270 12.37 -5.28 7.38
CA LEU B 270 11.71 -6.42 6.76
C LEU B 270 12.35 -6.67 5.38
N ASP B 271 12.66 -7.93 5.07
CA ASP B 271 13.22 -8.29 3.78
C ASP B 271 12.14 -8.02 2.70
#